data_7ESN
#
_entry.id   7ESN
#
_cell.length_a   127.242
_cell.length_b   190.137
_cell.length_c   80.110
_cell.angle_alpha   90.000
_cell.angle_beta   90.000
_cell.angle_gamma   90.000
#
_symmetry.space_group_name_H-M   'C 2 2 2'
#
loop_
_entity.id
_entity.type
_entity.pdbx_description
1 polymer 'L-Rhamnose-alpha-1,4-D-glucuronate lyase'
2 branched 'alpha-L-rhamnopyranose-(1-4)-beta-D-glucopyranuronic acid'
3 non-polymer 2-AMINO-2-HYDROXYMETHYL-PROPANE-1,3-DIOL
4 non-polymer 2-acetamido-2-deoxy-beta-D-glucopyranose
5 non-polymer 'SULFATE ION'
6 water water
#
_entity_poly.entity_id   1
_entity_poly.type   'polypeptide(L)'
_entity_poly.pdbx_seq_one_letter_code
;EAEFLTVKSTKQWTIGTDVQGSERLNGVSYQEDALITYGDYQYVTFYETAPAGYLNHFVKVGRRRVSPSVGDWEFLTLDD
YTQKTMDGHNMISMGISGDGKIHLSFDHFDVPINYRISKNGIAKDVPSKWTSDLFDPVVHELVGSQGPYSPLTYPRFEPL
GNGDLLLEFRIGQSGSGDSYIHRYSASTGKWQAYGMYIQGDDNNAYINGLDYLDGKLYTSWTVRETPNADTNHGVYFAYS
NDDGKTWFNTNDTKLTKPISTSDDSTLIWDIPQNSRMVNQEGQLIDTKGRFHILMRDLLSGEHQYQHYLRKADGTWTKNA
INPAGLNGPDLYDPRGKLAGDASGEYLFGILPDPVKQSTGIYVATASKDFKDWKSLAEIPNTSTEPLFDKTRLHESGILS
VFVRQAGGFPDRKLQVWDFELDLLEQKLISEEDLNSAVDHHHHHH
;
_entity_poly.pdbx_strand_id   A
#
# COMPACT_ATOMS: atom_id res chain seq x y z
N GLU A 1 34.01 -9.31 9.20
CA GLU A 1 32.92 -8.27 9.19
C GLU A 1 31.73 -8.77 8.37
N ALA A 2 30.54 -8.75 8.98
CA ALA A 2 29.23 -9.00 8.34
C ALA A 2 28.18 -8.11 8.99
N GLU A 3 27.03 -7.94 8.34
CA GLU A 3 25.90 -7.13 8.84
C GLU A 3 24.64 -8.01 8.89
N PHE A 4 23.83 -7.81 9.93
CA PHE A 4 22.53 -8.51 10.17
C PHE A 4 21.47 -7.46 10.47
N LEU A 5 20.33 -7.46 9.76
CA LEU A 5 19.19 -6.63 10.21
C LEU A 5 18.44 -7.42 11.27
N THR A 6 18.18 -6.74 12.39
CA THR A 6 17.66 -7.28 13.67
C THR A 6 16.45 -6.45 14.07
N VAL A 7 15.54 -7.03 14.86
CA VAL A 7 14.43 -6.28 15.52
C VAL A 7 14.86 -6.06 16.97
N LYS A 8 15.16 -4.81 17.33
CA LYS A 8 15.61 -4.43 18.69
C LYS A 8 14.43 -4.55 19.67
N SER A 9 13.28 -3.98 19.32
CA SER A 9 12.07 -3.96 20.19
C SER A 9 10.79 -4.12 19.36
N THR A 10 9.72 -4.55 20.04
CA THR A 10 8.37 -4.83 19.50
C THR A 10 7.36 -4.23 20.47
N LYS A 11 6.50 -3.32 20.01
CA LYS A 11 5.37 -2.79 20.81
C LYS A 11 4.12 -2.71 19.93
N GLN A 12 2.95 -2.71 20.56
CA GLN A 12 1.64 -2.65 19.87
C GLN A 12 0.74 -1.65 20.62
N TRP A 13 -0.21 -1.08 19.90
CA TRP A 13 -1.33 -0.27 20.44
C TRP A 13 -2.63 -0.77 19.83
N THR A 14 -3.68 -0.83 20.64
CA THR A 14 -5.06 -1.10 20.18
C THR A 14 -5.70 0.28 19.97
N ILE A 15 -5.95 0.66 18.71
CA ILE A 15 -6.39 2.03 18.33
C ILE A 15 -7.90 2.05 18.09
N GLY A 16 -8.57 0.88 18.13
CA GLY A 16 -10.04 0.82 18.04
C GLY A 16 -10.59 -0.59 17.98
N THR A 17 -11.91 -0.70 18.08
CA THR A 17 -12.67 -1.97 17.90
C THR A 17 -13.11 -2.08 16.44
N ASP A 18 -12.76 -3.19 15.79
CA ASP A 18 -13.10 -3.42 14.36
C ASP A 18 -14.63 -3.37 14.21
N VAL A 19 -15.08 -3.05 13.01
CA VAL A 19 -16.51 -2.93 12.63
C VAL A 19 -17.11 -4.35 12.55
N GLN A 20 -18.40 -4.47 12.90
CA GLN A 20 -19.20 -5.72 12.80
C GLN A 20 -19.45 -6.04 11.32
N GLY A 21 -19.43 -7.33 10.97
CA GLY A 21 -19.81 -7.80 9.63
C GLY A 21 -19.01 -9.00 9.18
N SER A 22 -19.53 -9.72 8.20
CA SER A 22 -18.88 -10.89 7.54
C SER A 22 -17.66 -10.39 6.75
N GLU A 23 -17.82 -9.35 5.94
CA GLU A 23 -16.77 -8.76 5.05
C GLU A 23 -15.62 -8.18 5.89
N ARG A 24 -14.41 -8.10 5.32
CA ARG A 24 -13.29 -7.32 5.91
C ARG A 24 -13.45 -5.85 5.51
N LEU A 25 -13.60 -4.98 6.52
CA LEU A 25 -13.91 -3.54 6.32
C LEU A 25 -12.82 -2.66 6.94
N ASN A 26 -11.63 -3.21 7.16
CA ASN A 26 -10.43 -2.46 7.62
C ASN A 26 -9.18 -3.29 7.32
N GLY A 27 -8.08 -2.63 6.96
CA GLY A 27 -6.80 -3.30 6.67
C GLY A 27 -6.90 -4.16 5.42
N VAL A 28 -7.13 -3.51 4.27
CA VAL A 28 -7.38 -4.17 2.96
C VAL A 28 -6.25 -3.76 2.00
N SER A 29 -5.89 -4.65 1.08
CA SER A 29 -4.60 -4.66 0.34
C SER A 29 -4.42 -3.37 -0.48
N TYR A 30 -5.50 -2.83 -1.03
CA TYR A 30 -5.47 -1.77 -2.06
C TYR A 30 -5.52 -0.38 -1.40
N GLN A 31 -5.56 -0.29 -0.07
CA GLN A 31 -5.49 0.99 0.67
C GLN A 31 -4.09 1.62 0.45
N GLU A 32 -4.05 2.88 0.02
CA GLU A 32 -2.79 3.57 -0.32
C GLU A 32 -2.94 5.07 -0.07
N ASP A 33 -2.68 5.52 1.17
CA ASP A 33 -2.18 4.68 2.25
C ASP A 33 -3.06 4.86 3.50
N ALA A 34 -2.83 4.03 4.53
CA ALA A 34 -3.67 3.94 5.75
C ALA A 34 -2.91 4.48 6.96
N LEU A 35 -1.58 4.32 6.96
CA LEU A 35 -0.67 4.69 8.07
C LEU A 35 0.48 5.52 7.48
N ILE A 36 0.58 6.81 7.83
CA ILE A 36 1.59 7.74 7.23
C ILE A 36 2.25 8.58 8.32
N THR A 37 3.59 8.64 8.32
CA THR A 37 4.38 9.58 9.14
C THR A 37 4.74 10.79 8.28
N TYR A 38 4.50 12.00 8.81
CA TYR A 38 4.92 13.29 8.21
C TYR A 38 5.57 14.14 9.30
N GLY A 39 6.87 14.40 9.17
CA GLY A 39 7.69 15.06 10.21
C GLY A 39 7.64 14.27 11.51
N ASP A 40 7.11 14.90 12.57
CA ASP A 40 7.17 14.39 13.97
C ASP A 40 5.96 13.50 14.29
N TYR A 41 4.95 13.46 13.43
CA TYR A 41 3.64 12.84 13.73
C TYR A 41 3.37 11.68 12.77
N GLN A 42 2.80 10.60 13.30
CA GLN A 42 2.25 9.47 12.54
C GLN A 42 0.73 9.63 12.49
N TYR A 43 0.14 9.34 11.33
CA TYR A 43 -1.31 9.45 11.06
C TYR A 43 -1.83 8.09 10.63
N VAL A 44 -3.05 7.76 11.07
CA VAL A 44 -3.74 6.48 10.75
C VAL A 44 -5.21 6.82 10.47
N THR A 45 -5.85 6.09 9.56
CA THR A 45 -7.28 6.24 9.23
C THR A 45 -7.90 4.85 9.10
N PHE A 46 -9.17 4.72 9.49
CA PHE A 46 -9.92 3.44 9.54
C PHE A 46 -11.40 3.77 9.78
N TYR A 47 -12.29 2.81 9.52
CA TYR A 47 -13.74 2.95 9.79
C TYR A 47 -14.01 2.52 11.22
N GLU A 48 -14.84 3.27 11.93
CA GLU A 48 -15.43 2.86 13.23
C GLU A 48 -16.95 3.00 13.14
N THR A 49 -17.67 2.11 13.81
CA THR A 49 -19.12 2.22 14.10
C THR A 49 -19.31 3.40 15.06
N ALA A 50 -20.36 4.19 14.87
CA ALA A 50 -20.76 5.31 15.76
C ALA A 50 -20.97 4.76 17.18
N PRO A 51 -20.61 5.51 18.24
CA PRO A 51 -20.79 5.04 19.61
C PRO A 51 -22.27 4.89 20.02
N ALA A 52 -23.19 5.65 19.42
CA ALA A 52 -24.66 5.56 19.63
C ALA A 52 -25.37 5.49 18.27
N GLY A 53 -25.53 4.28 17.70
CA GLY A 53 -25.16 3.03 18.36
C GLY A 53 -24.64 1.98 17.37
N TYR A 54 -25.24 1.77 16.19
CA TYR A 54 -24.85 0.65 15.28
C TYR A 54 -24.99 0.95 13.77
N LEU A 55 -25.90 1.82 13.32
CA LEU A 55 -26.19 2.01 11.88
C LEU A 55 -25.08 2.81 11.19
N ASN A 56 -24.62 3.90 11.82
CA ASN A 56 -23.71 4.89 11.19
C ASN A 56 -22.27 4.41 11.35
N HIS A 57 -21.50 4.51 10.26
CA HIS A 57 -20.05 4.20 10.18
C HIS A 57 -19.34 5.45 9.66
N PHE A 58 -18.25 5.86 10.33
CA PHE A 58 -17.53 7.12 10.03
C PHE A 58 -16.06 6.82 9.77
N VAL A 59 -15.45 7.65 8.91
CA VAL A 59 -13.97 7.75 8.78
C VAL A 59 -13.45 8.31 10.11
N LYS A 60 -12.44 7.66 10.67
CA LYS A 60 -11.73 8.10 11.90
C LYS A 60 -10.27 8.36 11.52
N VAL A 61 -9.68 9.43 12.04
CA VAL A 61 -8.23 9.75 11.82
C VAL A 61 -7.55 9.84 13.19
N GLY A 62 -6.50 9.05 13.37
CA GLY A 62 -5.63 9.13 14.55
C GLY A 62 -4.36 9.87 14.19
N ARG A 63 -3.78 10.59 15.15
CA ARG A 63 -2.36 11.00 15.08
C ARG A 63 -1.71 10.83 16.45
N ARG A 64 -0.41 10.61 16.43
CA ARG A 64 0.46 10.53 17.62
C ARG A 64 1.81 11.14 17.26
N ARG A 65 2.43 11.87 18.18
CA ARG A 65 3.86 12.21 18.07
C ARG A 65 4.62 10.89 18.01
N VAL A 66 5.58 10.76 17.08
CA VAL A 66 6.52 9.60 17.03
C VAL A 66 7.97 10.11 17.14
N SER A 67 8.19 11.42 17.13
CA SER A 67 9.55 12.06 17.23
C SER A 67 9.45 13.39 17.98
N PRO A 68 10.42 13.74 18.85
CA PRO A 68 11.59 12.91 19.16
C PRO A 68 11.36 11.79 20.19
N SER A 69 10.13 11.69 20.72
CA SER A 69 9.64 10.54 21.53
C SER A 69 8.22 10.17 21.10
N VAL A 70 7.79 8.93 21.34
CA VAL A 70 6.44 8.43 20.96
C VAL A 70 5.42 8.86 22.01
N GLY A 71 4.41 9.63 21.59
CA GLY A 71 3.30 10.08 22.44
C GLY A 71 2.06 9.22 22.21
N ASP A 72 0.97 9.57 22.88
CA ASP A 72 -0.30 8.80 22.84
C ASP A 72 -1.02 9.06 21.52
N TRP A 73 -1.74 8.05 21.04
CA TRP A 73 -2.76 8.19 19.96
C TRP A 73 -3.88 9.10 20.48
N GLU A 74 -4.31 10.04 19.64
CA GLU A 74 -5.58 10.78 19.80
C GLU A 74 -6.34 10.69 18.47
N PHE A 75 -7.67 10.81 18.52
CA PHE A 75 -8.56 10.52 17.38
C PHE A 75 -9.54 11.68 17.17
N LEU A 76 -9.87 11.93 15.90
CA LEU A 76 -11.08 12.68 15.47
C LEU A 76 -11.97 11.73 14.65
N THR A 77 -13.29 11.95 14.70
CA THR A 77 -14.31 11.20 13.94
C THR A 77 -15.02 12.16 12.98
N LEU A 78 -14.94 11.89 11.68
CA LEU A 78 -15.63 12.66 10.61
C LEU A 78 -17.08 12.20 10.54
N ASP A 79 -17.90 12.67 11.49
CA ASP A 79 -19.28 12.19 11.76
C ASP A 79 -20.31 13.03 11.01
N ASP A 80 -19.91 13.65 9.89
CA ASP A 80 -20.80 14.42 8.99
C ASP A 80 -21.07 13.62 7.69
N TYR A 81 -20.33 12.53 7.44
CA TYR A 81 -20.47 11.66 6.25
C TYR A 81 -20.51 10.19 6.67
N THR A 82 -21.71 9.62 6.73
CA THR A 82 -21.94 8.16 6.98
C THR A 82 -21.57 7.39 5.71
N GLN A 83 -21.03 6.18 5.87
CA GLN A 83 -20.54 5.33 4.75
C GLN A 83 -21.73 4.66 4.05
N LYS A 84 -21.90 4.90 2.75
CA LYS A 84 -23.05 4.39 1.94
C LYS A 84 -22.77 2.94 1.52
N THR A 85 -21.50 2.62 1.23
CA THR A 85 -21.05 1.29 0.75
C THR A 85 -20.07 0.68 1.75
N MET A 86 -20.56 -0.13 2.69
CA MET A 86 -19.72 -0.99 3.57
C MET A 86 -19.77 -2.43 3.04
N ASP A 87 -19.14 -2.65 1.88
CA ASP A 87 -18.86 -3.99 1.28
C ASP A 87 -17.33 -4.16 1.29
N GLY A 88 -16.79 -5.12 0.55
CA GLY A 88 -15.34 -5.39 0.59
C GLY A 88 -14.46 -4.29 0.00
N HIS A 89 -14.99 -3.40 -0.85
CA HIS A 89 -14.19 -2.66 -1.87
C HIS A 89 -14.04 -1.15 -1.58
N ASN A 90 -14.44 -0.66 -0.42
CA ASN A 90 -14.73 0.78 -0.19
C ASN A 90 -13.74 1.43 0.79
N MET A 91 -12.56 0.84 0.99
CA MET A 91 -11.67 1.23 2.11
C MET A 91 -11.11 2.65 1.89
N ILE A 92 -10.50 3.20 2.93
CA ILE A 92 -9.95 4.59 2.95
C ILE A 92 -8.54 4.55 2.37
N SER A 93 -8.25 5.48 1.47
CA SER A 93 -6.87 5.86 1.08
C SER A 93 -6.60 7.29 1.54
N MET A 94 -5.43 7.52 2.12
CA MET A 94 -5.02 8.82 2.69
C MET A 94 -3.68 9.20 2.08
N GLY A 95 -3.46 10.51 1.85
CA GLY A 95 -2.20 11.07 1.36
C GLY A 95 -1.88 12.37 2.05
N ILE A 96 -0.60 12.72 2.19
CA ILE A 96 -0.14 13.99 2.79
C ILE A 96 0.86 14.68 1.86
N SER A 97 0.53 15.91 1.47
CA SER A 97 1.28 16.75 0.50
C SER A 97 2.30 17.62 1.25
N GLY A 98 3.21 18.28 0.52
CA GLY A 98 4.36 19.03 1.07
C GLY A 98 3.96 20.38 1.66
N ASP A 99 2.69 20.76 1.53
CA ASP A 99 2.07 21.93 2.22
C ASP A 99 1.46 21.47 3.55
N GLY A 100 1.66 20.20 3.91
CA GLY A 100 1.19 19.61 5.17
C GLY A 100 -0.32 19.38 5.19
N LYS A 101 -0.98 19.44 4.02
CA LYS A 101 -2.44 19.14 3.93
C LYS A 101 -2.63 17.63 3.87
N ILE A 102 -3.68 17.15 4.53
CA ILE A 102 -4.06 15.70 4.59
C ILE A 102 -5.30 15.51 3.71
N HIS A 103 -5.19 14.62 2.73
CA HIS A 103 -6.24 14.23 1.75
C HIS A 103 -6.80 12.86 2.12
N LEU A 104 -8.13 12.70 2.06
CA LEU A 104 -8.85 11.42 2.25
C LEU A 104 -9.71 11.14 1.02
N SER A 105 -9.73 9.89 0.56
CA SER A 105 -10.72 9.38 -0.43
C SER A 105 -11.17 7.99 0.03
N PHE A 106 -12.47 7.72 -0.03
CA PHE A 106 -13.11 6.61 0.71
C PHE A 106 -14.51 6.29 0.14
N ASP A 107 -15.08 5.17 0.57
CA ASP A 107 -16.51 4.82 0.41
C ASP A 107 -16.85 4.64 -1.08
N HIS A 108 -16.00 3.96 -1.84
CA HIS A 108 -16.15 3.78 -3.31
C HIS A 108 -16.45 2.32 -3.67
N PHE A 109 -17.50 2.10 -4.45
CA PHE A 109 -17.65 0.92 -5.34
C PHE A 109 -18.52 1.33 -6.53
N ASP A 110 -17.87 1.66 -7.65
CA ASP A 110 -18.52 2.11 -8.91
C ASP A 110 -19.53 3.24 -8.58
N VAL A 111 -19.08 4.27 -7.85
CA VAL A 111 -19.88 5.48 -7.52
C VAL A 111 -19.02 6.71 -7.81
N PRO A 112 -19.59 7.94 -7.79
CA PRO A 112 -18.80 9.15 -7.98
C PRO A 112 -17.77 9.33 -6.85
N ILE A 113 -16.64 9.97 -7.16
CA ILE A 113 -15.52 10.21 -6.21
C ILE A 113 -16.08 10.83 -4.92
N ASN A 114 -15.51 10.41 -3.78
CA ASN A 114 -15.68 11.01 -2.44
C ASN A 114 -14.29 11.48 -2.00
N TYR A 115 -14.15 12.76 -1.72
CA TYR A 115 -12.84 13.39 -1.42
C TYR A 115 -13.05 14.51 -0.40
N ARG A 116 -12.08 14.65 0.51
CA ARG A 116 -12.00 15.81 1.42
C ARG A 116 -10.53 16.04 1.79
N ILE A 117 -10.26 17.24 2.28
CA ILE A 117 -8.90 17.75 2.57
C ILE A 117 -9.00 18.59 3.84
N SER A 118 -7.92 18.66 4.62
CA SER A 118 -7.83 19.59 5.78
C SER A 118 -7.95 21.03 5.25
N LYS A 119 -8.65 21.90 5.99
CA LYS A 119 -8.71 23.35 5.69
C LYS A 119 -7.28 23.86 5.51
N ASN A 120 -6.38 23.49 6.44
CA ASN A 120 -5.00 24.05 6.54
C ASN A 120 -3.96 22.93 6.46
N GLY A 121 -2.68 23.30 6.42
CA GLY A 121 -1.53 22.38 6.38
C GLY A 121 -1.23 21.83 7.75
N ILE A 122 -2.14 21.01 8.29
CA ILE A 122 -2.18 20.60 9.73
C ILE A 122 -1.00 19.66 10.07
N ALA A 123 -0.31 19.10 9.08
CA ALA A 123 0.88 18.24 9.29
C ALA A 123 2.17 19.06 9.22
N LYS A 124 2.09 20.32 8.79
CA LYS A 124 3.23 21.30 8.77
C LYS A 124 3.06 22.26 9.95
N ASP A 125 1.97 23.04 9.93
CA ASP A 125 1.57 23.97 11.01
C ASP A 125 0.63 23.20 11.92
N VAL A 126 1.19 22.52 12.92
CA VAL A 126 0.51 21.42 13.68
C VAL A 126 -0.43 22.04 14.72
N PRO A 127 -1.75 21.78 14.62
CA PRO A 127 -2.69 22.24 15.64
C PRO A 127 -2.56 21.35 16.88
N SER A 128 -2.78 21.90 18.07
CA SER A 128 -2.72 21.15 19.37
C SER A 128 -4.07 20.49 19.63
N LYS A 129 -5.17 21.14 19.25
CA LYS A 129 -6.54 20.59 19.29
C LYS A 129 -6.76 19.76 18.00
N TRP A 130 -6.99 18.45 18.15
CA TRP A 130 -7.15 17.48 17.04
C TRP A 130 -8.63 17.11 16.88
N THR A 131 -9.37 17.88 16.08
CA THR A 131 -10.84 17.81 15.97
C THR A 131 -11.26 17.72 14.50
N SER A 132 -12.53 17.36 14.26
CA SER A 132 -13.10 17.04 12.94
C SER A 132 -13.23 18.30 12.08
N ASP A 133 -13.28 19.49 12.70
CA ASP A 133 -13.47 20.77 11.99
C ASP A 133 -12.15 21.24 11.37
N LEU A 134 -11.07 20.46 11.51
CA LEU A 134 -9.81 20.66 10.75
C LEU A 134 -10.02 20.30 9.27
N PHE A 135 -11.01 19.46 8.97
CA PHE A 135 -11.28 18.92 7.60
C PHE A 135 -12.46 19.66 6.96
N ASP A 136 -12.27 20.04 5.68
CA ASP A 136 -13.34 20.62 4.83
C ASP A 136 -14.37 19.52 4.56
N PRO A 137 -15.61 19.89 4.17
CA PRO A 137 -16.63 18.90 3.85
C PRO A 137 -16.30 18.06 2.61
N VAL A 138 -16.98 16.91 2.47
CA VAL A 138 -16.82 15.94 1.36
C VAL A 138 -17.23 16.62 0.05
N VAL A 139 -16.46 16.42 -1.02
CA VAL A 139 -16.76 16.93 -2.39
C VAL A 139 -16.63 15.75 -3.37
N HIS A 140 -17.26 15.87 -4.54
CA HIS A 140 -17.30 14.81 -5.59
C HIS A 140 -16.66 15.32 -6.88
N GLU A 141 -15.68 16.23 -6.75
CA GLU A 141 -14.80 16.68 -7.87
C GLU A 141 -13.46 17.12 -7.29
N LEU A 142 -12.45 17.24 -8.14
CA LEU A 142 -11.07 17.67 -7.79
C LEU A 142 -10.85 19.07 -8.36
N VAL A 143 -10.88 20.09 -7.49
CA VAL A 143 -10.85 21.54 -7.86
C VAL A 143 -9.69 21.76 -8.84
N GLY A 144 -10.00 22.29 -10.03
CA GLY A 144 -9.01 22.65 -11.06
C GLY A 144 -8.76 21.56 -12.08
N SER A 145 -9.22 20.33 -11.84
CA SER A 145 -9.07 19.17 -12.76
C SER A 145 -10.41 18.91 -13.46
N GLN A 146 -10.52 17.76 -14.14
CA GLN A 146 -11.77 17.32 -14.82
C GLN A 146 -11.97 15.82 -14.58
N GLY A 147 -13.23 15.40 -14.50
CA GLY A 147 -13.65 13.99 -14.54
C GLY A 147 -13.19 13.30 -15.82
N PRO A 148 -13.72 12.08 -16.13
CA PRO A 148 -14.81 11.49 -15.37
C PRO A 148 -14.41 11.08 -13.94
N TYR A 149 -15.28 11.35 -12.97
CA TYR A 149 -15.10 11.00 -11.53
C TYR A 149 -16.02 9.83 -11.13
N SER A 150 -16.61 9.13 -12.12
CA SER A 150 -17.62 8.07 -11.91
C SER A 150 -17.70 7.17 -13.14
N PRO A 151 -17.95 5.84 -13.00
CA PRO A 151 -18.02 5.17 -11.71
C PRO A 151 -16.61 4.87 -11.17
N LEU A 152 -16.32 5.30 -9.93
CA LEU A 152 -14.94 5.30 -9.38
C LEU A 152 -14.79 4.19 -8.34
N THR A 153 -13.66 3.49 -8.39
CA THR A 153 -13.22 2.54 -7.34
C THR A 153 -11.70 2.68 -7.17
N TYR A 154 -11.22 2.54 -5.93
CA TYR A 154 -9.79 2.34 -5.56
C TYR A 154 -8.99 3.63 -5.72
N PRO A 155 -9.28 4.68 -4.94
CA PRO A 155 -8.37 5.82 -4.83
C PRO A 155 -7.02 5.36 -4.27
N ARG A 156 -5.94 5.66 -4.98
CA ARG A 156 -4.54 5.43 -4.52
C ARG A 156 -3.79 6.76 -4.58
N PHE A 157 -3.14 7.14 -3.47
CA PHE A 157 -2.37 8.40 -3.33
C PHE A 157 -0.88 8.06 -3.42
N GLU A 158 -0.09 8.94 -4.05
CA GLU A 158 1.39 8.79 -4.13
C GLU A 158 2.04 10.15 -3.98
N PRO A 159 2.73 10.43 -2.85
CA PRO A 159 3.49 11.67 -2.70
C PRO A 159 4.70 11.63 -3.65
N LEU A 160 4.91 12.73 -4.38
CA LEU A 160 6.09 12.94 -5.27
C LEU A 160 7.16 13.68 -4.47
N GLY A 161 8.37 13.78 -5.05
CA GLY A 161 9.58 14.27 -4.37
C GLY A 161 9.58 15.76 -4.08
N ASN A 162 8.63 16.52 -4.66
CA ASN A 162 8.62 18.02 -4.59
C ASN A 162 7.42 18.53 -3.77
N GLY A 163 6.75 17.66 -3.01
CA GLY A 163 5.59 18.03 -2.17
C GLY A 163 4.26 17.72 -2.85
N ASP A 164 4.25 17.57 -4.18
CA ASP A 164 3.01 17.28 -4.95
C ASP A 164 2.53 15.85 -4.65
N LEU A 165 1.25 15.60 -4.88
CA LEU A 165 0.56 14.32 -4.58
C LEU A 165 -0.24 13.86 -5.80
N LEU A 166 0.02 12.63 -6.28
CA LEU A 166 -0.80 11.97 -7.32
C LEU A 166 -2.00 11.29 -6.64
N LEU A 167 -3.16 11.35 -7.31
CA LEU A 167 -4.34 10.48 -7.01
C LEU A 167 -4.65 9.67 -8.27
N GLU A 168 -4.64 8.34 -8.14
CA GLU A 168 -4.90 7.35 -9.22
C GLU A 168 -6.16 6.56 -8.83
N PHE A 169 -6.93 6.08 -9.81
CA PHE A 169 -8.15 5.26 -9.54
C PHE A 169 -8.74 4.73 -10.84
N ARG A 170 -9.56 3.69 -10.70
CA ARG A 170 -10.28 3.01 -11.80
C ARG A 170 -11.61 3.73 -12.04
N ILE A 171 -11.98 3.93 -13.31
CA ILE A 171 -13.32 4.40 -13.75
C ILE A 171 -13.96 3.29 -14.60
N GLY A 172 -15.21 2.96 -14.29
CA GLY A 172 -15.93 1.80 -14.88
C GLY A 172 -16.16 0.74 -13.83
N GLN A 173 -15.66 -0.48 -14.06
CA GLN A 173 -15.91 -1.63 -13.14
C GLN A 173 -15.02 -2.82 -13.48
N SER A 174 -15.07 -3.81 -12.58
CA SER A 174 -14.65 -5.22 -12.78
C SER A 174 -14.88 -5.64 -14.24
N GLY A 175 -13.82 -6.01 -14.95
CA GLY A 175 -13.88 -6.61 -16.30
C GLY A 175 -14.29 -5.61 -17.38
N SER A 176 -14.24 -4.31 -17.10
CA SER A 176 -14.44 -3.22 -18.09
C SER A 176 -14.16 -1.86 -17.44
N GLY A 177 -12.91 -1.42 -17.42
CA GLY A 177 -12.56 -0.16 -16.75
C GLY A 177 -11.26 0.44 -17.26
N ASP A 178 -11.12 1.76 -17.07
CA ASP A 178 -9.93 2.57 -17.39
C ASP A 178 -9.33 3.11 -16.09
N SER A 179 -8.04 3.43 -16.12
CA SER A 179 -7.28 4.00 -14.98
C SER A 179 -6.85 5.43 -15.33
N TYR A 180 -7.07 6.37 -14.40
CA TYR A 180 -6.77 7.82 -14.54
C TYR A 180 -5.76 8.24 -13.46
N ILE A 181 -5.02 9.32 -13.72
CA ILE A 181 -4.12 9.99 -12.73
C ILE A 181 -4.44 11.48 -12.69
N HIS A 182 -4.55 12.04 -11.49
CA HIS A 182 -4.61 13.49 -11.20
C HIS A 182 -3.45 13.87 -10.29
N ARG A 183 -2.95 15.11 -10.45
CA ARG A 183 -1.80 15.65 -9.67
C ARG A 183 -2.24 16.89 -8.90
N TYR A 184 -2.04 16.86 -7.58
CA TYR A 184 -2.24 18.01 -6.66
C TYR A 184 -0.93 18.79 -6.60
N SER A 185 -0.98 20.11 -6.82
CA SER A 185 0.15 21.06 -6.62
C SER A 185 0.13 21.51 -5.16
N ALA A 186 1.14 21.09 -4.37
CA ALA A 186 1.38 21.59 -3.00
C ALA A 186 1.58 23.11 -3.08
N SER A 187 2.10 23.58 -4.21
CA SER A 187 2.45 25.00 -4.49
C SER A 187 1.20 25.86 -4.75
N THR A 188 0.12 25.34 -5.35
CA THR A 188 -1.11 26.13 -5.70
C THR A 188 -2.38 25.61 -5.02
N GLY A 189 -2.43 24.34 -4.61
CA GLY A 189 -3.64 23.72 -4.04
C GLY A 189 -4.65 23.35 -5.12
N LYS A 190 -4.21 23.27 -6.37
CA LYS A 190 -5.06 22.94 -7.55
C LYS A 190 -4.67 21.54 -8.06
N TRP A 191 -5.65 20.76 -8.49
CA TRP A 191 -5.48 19.48 -9.23
C TRP A 191 -5.39 19.76 -10.73
N GLN A 192 -4.51 19.06 -11.45
CA GLN A 192 -4.54 18.97 -12.94
C GLN A 192 -4.74 17.50 -13.34
N ALA A 193 -5.60 17.27 -14.35
CA ALA A 193 -5.86 15.96 -14.98
C ALA A 193 -4.65 15.55 -15.81
N TYR A 194 -4.05 14.40 -15.51
CA TYR A 194 -3.06 13.70 -16.37
C TYR A 194 -3.80 12.72 -17.30
N GLY A 195 -5.10 12.56 -17.07
CA GLY A 195 -6.00 11.77 -17.94
C GLY A 195 -5.80 10.27 -17.81
N MET A 196 -6.46 9.51 -18.69
CA MET A 196 -6.41 8.02 -18.76
C MET A 196 -5.00 7.58 -19.16
N TYR A 197 -4.37 6.71 -18.38
CA TYR A 197 -3.01 6.17 -18.65
C TYR A 197 -3.10 4.66 -18.98
N ILE A 198 -4.19 3.99 -18.60
CA ILE A 198 -4.50 2.61 -19.06
C ILE A 198 -5.94 2.56 -19.55
N GLN A 199 -6.15 2.06 -20.77
CA GLN A 199 -7.48 1.83 -21.37
C GLN A 199 -7.78 0.33 -21.36
N GLY A 200 -8.86 -0.06 -20.68
CA GLY A 200 -9.38 -1.44 -20.72
C GLY A 200 -10.01 -1.72 -22.07
N ASP A 201 -9.77 -2.93 -22.59
CA ASP A 201 -10.41 -3.48 -23.80
C ASP A 201 -11.33 -4.63 -23.36
N ASP A 202 -12.52 -4.28 -22.86
CA ASP A 202 -13.51 -5.25 -22.32
C ASP A 202 -12.88 -6.01 -21.13
N ASN A 203 -12.20 -5.26 -20.26
CA ASN A 203 -11.47 -5.76 -19.07
C ASN A 203 -10.99 -4.54 -18.29
N ASN A 204 -10.24 -4.73 -17.20
CA ASN A 204 -9.62 -3.61 -16.47
C ASN A 204 -8.26 -4.04 -15.93
N ALA A 205 -7.39 -3.05 -15.76
CA ALA A 205 -6.10 -3.16 -15.04
C ALA A 205 -6.38 -3.05 -13.54
N TYR A 206 -5.64 -3.81 -12.75
CA TYR A 206 -5.56 -3.70 -11.28
C TYR A 206 -4.09 -3.43 -10.93
N ILE A 207 -3.74 -2.25 -10.44
CA ILE A 207 -2.33 -1.92 -10.09
C ILE A 207 -2.05 -2.40 -8.66
N ASN A 208 -0.80 -2.80 -8.41
CA ASN A 208 -0.31 -3.35 -7.11
C ASN A 208 0.10 -2.21 -6.18
N GLY A 209 0.28 -1.00 -6.71
CA GLY A 209 0.72 0.17 -5.94
C GLY A 209 1.30 1.24 -6.85
N LEU A 210 1.78 2.33 -6.26
CA LEU A 210 2.59 3.38 -6.92
C LEU A 210 3.87 3.58 -6.10
N ASP A 211 5.01 3.47 -6.75
CA ASP A 211 6.35 3.68 -6.13
C ASP A 211 7.07 4.81 -6.87
N TYR A 212 7.84 5.60 -6.15
CA TYR A 212 8.56 6.80 -6.67
C TYR A 212 9.99 6.83 -6.11
N LEU A 213 10.96 7.07 -6.98
CA LEU A 213 12.39 7.22 -6.61
C LEU A 213 13.11 8.06 -7.67
N ASP A 214 13.75 9.16 -7.26
CA ASP A 214 14.63 10.00 -8.11
C ASP A 214 13.91 10.34 -9.43
N GLY A 215 12.76 11.03 -9.36
CA GLY A 215 12.06 11.56 -10.53
C GLY A 215 11.27 10.51 -11.31
N LYS A 216 11.33 9.24 -10.91
CA LYS A 216 10.72 8.11 -11.67
C LYS A 216 9.55 7.52 -10.90
N LEU A 217 8.43 7.29 -11.61
CA LEU A 217 7.19 6.66 -11.07
C LEU A 217 7.08 5.24 -11.65
N TYR A 218 6.92 4.24 -10.79
CA TYR A 218 6.86 2.80 -11.16
C TYR A 218 5.49 2.23 -10.80
N THR A 219 4.95 1.36 -11.65
CA THR A 219 3.73 0.56 -11.33
C THR A 219 3.75 -0.77 -12.08
N SER A 220 2.90 -1.68 -11.60
CA SER A 220 2.73 -3.07 -12.09
C SER A 220 1.27 -3.44 -11.90
N TRP A 221 0.72 -4.26 -12.81
CA TRP A 221 -0.72 -4.57 -12.83
C TRP A 221 -0.94 -5.97 -13.41
N THR A 222 -2.13 -6.53 -13.17
CA THR A 222 -2.70 -7.69 -13.89
C THR A 222 -3.96 -7.20 -14.59
N VAL A 223 -4.51 -8.01 -15.50
CA VAL A 223 -5.70 -7.65 -16.32
C VAL A 223 -6.83 -8.64 -15.97
N ARG A 224 -8.02 -8.11 -15.73
CA ARG A 224 -9.21 -8.84 -15.22
C ARG A 224 -10.30 -8.82 -16.30
N GLU A 225 -10.71 -9.99 -16.78
CA GLU A 225 -11.66 -10.15 -17.92
C GLU A 225 -13.12 -9.98 -17.47
N THR A 226 -13.46 -10.39 -16.24
CA THR A 226 -14.85 -10.47 -15.70
C THR A 226 -14.84 -10.16 -14.21
N PRO A 227 -16.02 -9.97 -13.57
CA PRO A 227 -16.08 -9.75 -12.12
C PRO A 227 -15.55 -10.90 -11.24
N ASN A 228 -15.31 -12.07 -11.81
CA ASN A 228 -14.80 -13.26 -11.06
C ASN A 228 -13.29 -13.16 -10.95
N ALA A 229 -12.74 -13.28 -9.74
CA ALA A 229 -11.30 -13.10 -9.42
C ALA A 229 -10.42 -14.12 -10.15
N ASP A 230 -11.01 -15.21 -10.67
CA ASP A 230 -10.27 -16.32 -11.33
C ASP A 230 -9.81 -15.87 -12.72
N THR A 231 -10.24 -14.70 -13.17
CA THR A 231 -10.12 -14.23 -14.57
C THR A 231 -9.04 -13.13 -14.68
N ASN A 232 -8.10 -13.07 -13.72
CA ASN A 232 -6.87 -12.23 -13.79
C ASN A 232 -5.83 -12.95 -14.65
N HIS A 233 -5.12 -12.22 -15.51
CA HIS A 233 -4.01 -12.76 -16.35
C HIS A 233 -2.93 -11.71 -16.57
N GLY A 234 -1.67 -12.15 -16.56
CA GLY A 234 -0.50 -11.34 -16.91
C GLY A 234 0.01 -10.56 -15.72
N VAL A 235 1.34 -10.43 -15.62
CA VAL A 235 2.04 -9.45 -14.73
C VAL A 235 2.72 -8.44 -15.66
N TYR A 236 2.24 -7.20 -15.65
CA TYR A 236 2.71 -6.09 -16.52
C TYR A 236 3.51 -5.09 -15.68
N PHE A 237 4.30 -4.25 -16.35
CA PHE A 237 5.17 -3.21 -15.75
C PHE A 237 5.29 -2.02 -16.70
N ALA A 238 5.37 -0.83 -16.12
CA ALA A 238 5.68 0.43 -16.82
C ALA A 238 6.22 1.43 -15.79
N TYR A 239 7.02 2.38 -16.24
CA TYR A 239 7.51 3.51 -15.41
C TYR A 239 7.37 4.80 -16.22
N SER A 240 7.23 5.91 -15.50
CA SER A 240 7.12 7.29 -16.05
C SER A 240 8.29 8.12 -15.51
N ASN A 241 8.84 9.01 -16.35
CA ASN A 241 9.94 9.93 -16.00
C ASN A 241 9.40 11.34 -15.76
N ASP A 242 8.08 11.55 -15.87
CA ASP A 242 7.44 12.88 -15.75
C ASP A 242 6.18 12.78 -14.88
N ASP A 243 6.17 11.86 -13.90
CA ASP A 243 5.16 11.73 -12.82
C ASP A 243 3.80 11.28 -13.37
N GLY A 244 3.78 10.57 -14.51
CA GLY A 244 2.58 9.83 -14.97
C GLY A 244 1.95 10.39 -16.24
N LYS A 245 2.58 11.37 -16.90
CA LYS A 245 2.14 11.87 -18.23
C LYS A 245 2.61 10.90 -19.32
N THR A 246 3.87 10.47 -19.25
CA THR A 246 4.56 9.68 -20.31
C THR A 246 5.12 8.39 -19.69
N TRP A 247 4.87 7.26 -20.36
CA TRP A 247 5.14 5.89 -19.83
C TRP A 247 6.06 5.12 -20.78
N PHE A 248 6.87 4.25 -20.20
CA PHE A 248 7.89 3.41 -20.87
C PHE A 248 7.78 1.99 -20.33
N ASN A 249 8.00 0.98 -21.17
CA ASN A 249 8.06 -0.43 -20.74
C ASN A 249 9.47 -0.71 -20.19
N THR A 250 9.71 -1.95 -19.74
CA THR A 250 10.97 -2.42 -19.11
C THR A 250 12.16 -2.26 -20.05
N ASN A 251 11.93 -2.29 -21.38
CA ASN A 251 12.98 -2.13 -22.41
C ASN A 251 13.25 -0.64 -22.67
N ASP A 252 12.55 0.27 -21.99
CA ASP A 252 12.68 1.75 -22.08
C ASP A 252 12.05 2.26 -23.38
N THR A 253 11.24 1.44 -24.05
CA THR A 253 10.43 1.84 -25.24
C THR A 253 9.27 2.69 -24.75
N LYS A 254 9.11 3.91 -25.28
CA LYS A 254 7.97 4.81 -24.98
C LYS A 254 6.67 4.17 -25.47
N LEU A 255 5.56 4.41 -24.79
CA LEU A 255 4.25 3.76 -25.04
C LEU A 255 3.23 4.80 -25.52
N THR A 256 2.14 4.31 -26.13
CA THR A 256 0.98 5.13 -26.56
C THR A 256 0.33 5.72 -25.31
N LYS A 257 -0.22 6.93 -25.40
CA LYS A 257 -0.54 7.77 -24.22
C LYS A 257 -1.52 7.02 -23.32
N PRO A 258 -2.71 6.62 -23.83
CA PRO A 258 -3.45 5.53 -23.20
C PRO A 258 -2.75 4.21 -23.56
N ILE A 259 -2.16 3.54 -22.56
CA ILE A 259 -1.68 2.13 -22.69
C ILE A 259 -2.93 1.24 -22.80
N SER A 260 -2.99 0.39 -23.82
CA SER A 260 -4.07 -0.62 -23.96
C SER A 260 -3.72 -1.86 -23.13
N THR A 261 -4.73 -2.48 -22.51
CA THR A 261 -4.61 -3.82 -21.86
C THR A 261 -4.25 -4.86 -22.92
N SER A 262 -4.60 -4.61 -24.19
CA SER A 262 -4.33 -5.50 -25.36
C SER A 262 -2.84 -5.51 -25.74
N ASP A 263 -2.10 -4.43 -25.49
CA ASP A 263 -0.66 -4.27 -25.86
C ASP A 263 0.20 -5.05 -24.85
N ASP A 264 0.96 -6.04 -25.32
CA ASP A 264 1.82 -6.91 -24.46
C ASP A 264 3.28 -6.42 -24.43
N SER A 265 3.59 -5.21 -24.94
CA SER A 265 4.94 -4.60 -24.79
C SER A 265 5.24 -4.37 -23.30
N THR A 266 4.18 -4.17 -22.49
CA THR A 266 4.25 -3.92 -21.02
C THR A 266 4.28 -5.24 -20.24
N LEU A 267 3.90 -6.37 -20.86
CA LEU A 267 3.88 -7.72 -20.20
C LEU A 267 5.32 -8.11 -19.83
N ILE A 268 5.55 -8.55 -18.60
CA ILE A 268 6.90 -9.00 -18.13
C ILE A 268 6.85 -10.44 -17.62
N TRP A 269 5.67 -11.05 -17.53
CA TRP A 269 5.52 -12.51 -17.25
C TRP A 269 4.15 -13.01 -17.70
N ASP A 270 4.13 -14.14 -18.43
CA ASP A 270 2.90 -14.81 -18.91
C ASP A 270 2.29 -15.60 -17.74
N ILE A 271 1.12 -15.16 -17.28
CA ILE A 271 0.30 -15.85 -16.23
C ILE A 271 -1.13 -15.96 -16.77
N PRO A 272 -1.57 -17.15 -17.24
CA PRO A 272 -2.93 -17.27 -17.76
C PRO A 272 -3.99 -17.12 -16.65
N GLN A 273 -5.23 -16.87 -17.06
CA GLN A 273 -6.43 -16.95 -16.19
C GLN A 273 -6.43 -18.30 -15.46
N ASN A 274 -7.05 -18.34 -14.28
CA ASN A 274 -7.23 -19.56 -13.43
C ASN A 274 -5.87 -20.05 -12.90
N SER A 275 -4.87 -19.19 -12.77
CA SER A 275 -3.55 -19.51 -12.14
C SER A 275 -3.60 -19.20 -10.63
N ARG A 276 -4.75 -18.70 -10.15
CA ARG A 276 -5.00 -18.39 -8.71
C ARG A 276 -4.09 -17.26 -8.27
N MET A 277 -3.87 -16.30 -9.17
CA MET A 277 -3.17 -15.01 -8.91
C MET A 277 -4.23 -13.95 -8.62
N VAL A 278 -4.13 -13.30 -7.46
CA VAL A 278 -5.10 -12.24 -7.05
C VAL A 278 -4.54 -10.88 -7.45
N ASN A 279 -5.44 -9.97 -7.78
CA ASN A 279 -5.18 -8.55 -8.15
C ASN A 279 -4.87 -7.73 -6.89
N GLN A 280 -4.15 -6.63 -7.06
CA GLN A 280 -3.91 -5.58 -6.04
C GLN A 280 -3.18 -6.17 -4.82
N GLU A 281 -2.08 -6.87 -5.05
CA GLU A 281 -1.21 -7.40 -3.96
C GLU A 281 -0.16 -6.30 -3.65
N GLY A 282 1.10 -6.49 -4.03
CA GLY A 282 2.20 -5.61 -3.57
C GLY A 282 3.27 -5.34 -4.62
N GLN A 283 4.03 -4.27 -4.42
CA GLN A 283 5.22 -3.89 -5.22
C GLN A 283 6.09 -2.94 -4.39
N LEU A 284 7.28 -2.61 -4.90
CA LEU A 284 8.29 -1.77 -4.20
C LEU A 284 9.40 -1.38 -5.17
N ILE A 285 9.79 -0.11 -5.18
CA ILE A 285 11.11 0.36 -5.67
C ILE A 285 12.00 0.48 -4.43
N ASP A 286 13.04 -0.35 -4.33
CA ASP A 286 14.04 -0.28 -3.23
C ASP A 286 14.96 0.91 -3.53
N THR A 287 15.69 1.41 -2.55
CA THR A 287 16.44 2.69 -2.64
C THR A 287 17.64 2.57 -3.61
N LYS A 288 17.93 1.38 -4.15
CA LYS A 288 18.99 1.17 -5.17
C LYS A 288 18.37 1.05 -6.57
N GLY A 289 17.10 1.44 -6.75
CA GLY A 289 16.43 1.52 -8.05
C GLY A 289 15.97 0.16 -8.59
N ARG A 290 16.05 -0.91 -7.77
CA ARG A 290 15.54 -2.26 -8.14
C ARG A 290 14.04 -2.32 -7.84
N PHE A 291 13.25 -2.83 -8.79
CA PHE A 291 11.78 -2.92 -8.68
C PHE A 291 11.36 -4.35 -8.32
N HIS A 292 10.40 -4.46 -7.39
CA HIS A 292 9.88 -5.74 -6.83
C HIS A 292 8.37 -5.79 -7.07
N ILE A 293 7.84 -6.98 -7.37
CA ILE A 293 6.37 -7.27 -7.35
C ILE A 293 6.12 -8.48 -6.45
N LEU A 294 5.14 -8.36 -5.57
CA LEU A 294 4.56 -9.49 -4.80
C LEU A 294 3.21 -9.85 -5.42
N MET A 295 3.11 -11.07 -5.93
CA MET A 295 1.84 -11.72 -6.35
C MET A 295 1.83 -13.14 -5.77
N ARG A 296 1.00 -14.02 -6.35
CA ARG A 296 0.94 -15.46 -5.99
C ARG A 296 0.41 -16.23 -7.21
N ASP A 297 0.74 -17.51 -7.32
CA ASP A 297 0.16 -18.43 -8.33
C ASP A 297 0.43 -19.87 -7.91
N LEU A 298 -0.22 -20.83 -8.57
CA LEU A 298 -0.13 -22.29 -8.25
C LEU A 298 0.67 -23.00 -9.36
N LEU A 299 1.30 -22.23 -10.25
CA LEU A 299 1.96 -22.66 -11.51
C LEU A 299 3.13 -23.62 -11.25
N SER A 300 3.89 -23.44 -10.17
CA SER A 300 5.03 -24.31 -9.79
C SER A 300 4.53 -25.72 -9.46
N GLY A 301 3.21 -25.87 -9.24
CA GLY A 301 2.55 -27.10 -8.78
C GLY A 301 2.03 -26.93 -7.36
N GLU A 302 2.50 -25.89 -6.66
CA GLU A 302 2.01 -25.48 -5.31
C GLU A 302 1.59 -24.01 -5.34
N HIS A 303 0.55 -23.66 -4.58
CA HIS A 303 0.16 -22.27 -4.25
C HIS A 303 1.28 -21.62 -3.47
N GLN A 304 1.89 -20.54 -3.97
CA GLN A 304 2.96 -19.80 -3.23
C GLN A 304 3.01 -18.33 -3.66
N TYR A 305 3.29 -17.45 -2.70
CA TYR A 305 3.75 -16.06 -2.92
C TYR A 305 4.89 -16.07 -3.94
N GLN A 306 4.86 -15.18 -4.92
CA GLN A 306 5.93 -15.04 -5.94
C GLN A 306 6.58 -13.66 -5.82
N HIS A 307 7.91 -13.62 -5.82
CA HIS A 307 8.73 -12.38 -5.87
C HIS A 307 9.27 -12.19 -7.30
N TYR A 308 8.76 -11.18 -8.01
CA TYR A 308 9.30 -10.69 -9.30
C TYR A 308 10.33 -9.60 -9.00
N LEU A 309 11.54 -9.74 -9.55
CA LEU A 309 12.64 -8.75 -9.43
C LEU A 309 12.97 -8.21 -10.84
N ARG A 310 12.96 -6.89 -10.98
CA ARG A 310 13.49 -6.19 -12.18
C ARG A 310 14.84 -5.57 -11.81
N LYS A 311 15.91 -6.34 -12.02
CA LYS A 311 17.32 -5.91 -11.82
C LYS A 311 17.57 -4.68 -12.70
N ALA A 312 18.17 -3.63 -12.11
CA ALA A 312 18.33 -2.25 -12.66
C ALA A 312 18.65 -2.26 -14.17
N ASP A 313 19.25 -3.33 -14.69
CA ASP A 313 19.67 -3.44 -16.12
C ASP A 313 18.52 -3.96 -17.00
N GLY A 314 17.29 -4.00 -16.49
CA GLY A 314 16.06 -4.27 -17.28
C GLY A 314 15.68 -5.73 -17.31
N THR A 315 16.50 -6.61 -16.71
CA THR A 315 16.33 -8.08 -16.74
C THR A 315 15.48 -8.53 -15.54
N TRP A 316 14.52 -9.43 -15.79
CA TRP A 316 13.53 -9.94 -14.80
C TRP A 316 13.91 -11.33 -14.30
N THR A 317 13.68 -11.61 -13.02
CA THR A 317 13.65 -12.96 -12.42
C THR A 317 12.35 -13.13 -11.61
N LYS A 318 11.89 -14.37 -11.49
CA LYS A 318 10.73 -14.77 -10.64
C LYS A 318 11.17 -15.89 -9.71
N ASN A 319 11.00 -15.70 -8.40
CA ASN A 319 11.42 -16.68 -7.36
C ASN A 319 10.33 -16.75 -6.29
N ALA A 320 9.80 -17.95 -6.02
CA ALA A 320 8.77 -18.20 -4.99
C ALA A 320 9.34 -17.82 -3.62
N ILE A 321 8.50 -17.26 -2.75
CA ILE A 321 8.86 -16.90 -1.34
C ILE A 321 8.38 -18.03 -0.44
N ASN A 322 9.26 -18.97 -0.08
CA ASN A 322 8.91 -20.18 0.72
C ASN A 322 9.80 -20.32 1.94
N PRO A 323 9.85 -19.34 2.86
CA PRO A 323 10.57 -19.51 4.11
C PRO A 323 9.88 -20.58 4.97
N ALA A 324 10.62 -21.21 5.87
CA ALA A 324 10.14 -22.26 6.79
C ALA A 324 8.85 -21.80 7.47
N GLY A 325 7.78 -22.60 7.40
CA GLY A 325 6.55 -22.44 8.19
C GLY A 325 5.58 -21.42 7.61
N LEU A 326 5.75 -21.01 6.34
CA LEU A 326 4.81 -20.09 5.64
C LEU A 326 3.90 -20.91 4.72
N ASN A 327 2.61 -20.95 5.01
CA ASN A 327 1.59 -21.62 4.15
C ASN A 327 1.33 -20.72 2.94
N GLY A 328 1.52 -21.26 1.74
CA GLY A 328 1.30 -20.53 0.48
C GLY A 328 -0.18 -20.19 0.29
N PRO A 329 -0.53 -18.93 -0.08
CA PRO A 329 -1.92 -18.52 -0.17
C PRO A 329 -2.60 -18.84 -1.52
N ASP A 330 -3.90 -19.10 -1.46
CA ASP A 330 -4.78 -19.27 -2.64
C ASP A 330 -5.38 -17.90 -3.00
N LEU A 331 -6.10 -17.84 -4.14
CA LEU A 331 -6.66 -16.62 -4.77
C LEU A 331 -7.31 -15.68 -3.75
N TYR A 332 -8.08 -16.19 -2.78
CA TYR A 332 -8.97 -15.38 -1.91
C TYR A 332 -8.34 -15.16 -0.52
N ASP A 333 -7.11 -15.59 -0.31
CA ASP A 333 -6.40 -15.44 0.98
C ASP A 333 -5.86 -14.02 1.09
N PRO A 334 -5.74 -13.47 2.31
CA PRO A 334 -5.19 -12.12 2.52
C PRO A 334 -3.92 -11.83 1.72
N ARG A 335 -3.79 -10.59 1.23
CA ARG A 335 -2.69 -10.12 0.34
C ARG A 335 -1.62 -9.41 1.18
N GLY A 336 -0.35 -9.57 0.80
CA GLY A 336 0.81 -9.06 1.55
C GLY A 336 1.40 -7.79 0.95
N LYS A 337 2.53 -7.34 1.48
CA LYS A 337 3.27 -6.15 0.96
C LYS A 337 4.78 -6.39 1.04
N LEU A 338 5.53 -5.59 0.29
CA LEU A 338 7.01 -5.50 0.33
C LEU A 338 7.41 -4.11 0.83
N ALA A 339 8.36 -4.06 1.76
CA ALA A 339 8.97 -2.82 2.30
C ALA A 339 10.49 -2.92 2.14
N GLY A 340 11.17 -1.78 2.06
CA GLY A 340 12.63 -1.67 1.96
C GLY A 340 13.19 -0.75 3.02
N ASP A 341 14.40 -1.04 3.50
CA ASP A 341 15.16 -0.16 4.42
C ASP A 341 15.81 0.96 3.60
N ALA A 342 16.29 2.01 4.27
CA ALA A 342 16.94 3.19 3.67
C ALA A 342 18.14 2.76 2.81
N SER A 343 18.91 1.77 3.26
CA SER A 343 20.17 1.32 2.59
C SER A 343 19.85 0.63 1.26
N GLY A 344 18.73 -0.10 1.18
CA GLY A 344 18.25 -0.76 -0.05
C GLY A 344 18.75 -2.19 -0.18
N GLU A 345 19.44 -2.71 0.84
CA GLU A 345 20.04 -4.07 0.86
C GLU A 345 19.01 -5.06 1.41
N TYR A 346 18.08 -4.60 2.25
CA TYR A 346 17.15 -5.47 3.03
C TYR A 346 15.72 -5.29 2.51
N LEU A 347 15.13 -6.39 2.03
CA LEU A 347 13.75 -6.49 1.51
C LEU A 347 12.89 -7.24 2.52
N PHE A 348 11.86 -6.58 3.05
CA PHE A 348 10.87 -7.18 3.98
C PHE A 348 9.65 -7.68 3.21
N GLY A 349 9.31 -8.94 3.41
CA GLY A 349 8.00 -9.52 3.03
C GLY A 349 7.08 -9.46 4.23
N ILE A 350 6.00 -8.69 4.13
CA ILE A 350 4.95 -8.59 5.19
C ILE A 350 3.75 -9.44 4.74
N LEU A 351 3.81 -10.73 5.07
CA LEU A 351 3.00 -11.79 4.42
C LEU A 351 2.03 -12.37 5.43
N PRO A 352 0.71 -12.14 5.26
CA PRO A 352 -0.29 -12.78 6.11
C PRO A 352 -0.27 -14.28 5.80
N ASP A 353 -0.27 -15.11 6.84
CA ASP A 353 -0.38 -16.58 6.68
C ASP A 353 -1.85 -16.94 6.50
N PRO A 354 -2.20 -17.70 5.46
CA PRO A 354 -3.60 -18.04 5.19
C PRO A 354 -4.22 -19.03 6.19
N VAL A 355 -3.40 -19.80 6.91
CA VAL A 355 -3.86 -20.84 7.88
C VAL A 355 -3.72 -20.32 9.32
N LYS A 356 -2.54 -19.77 9.66
CA LYS A 356 -2.10 -19.55 11.07
C LYS A 356 -2.78 -18.32 11.69
N GLN A 357 -3.52 -17.53 10.91
CA GLN A 357 -4.21 -16.31 11.41
C GLN A 357 -3.17 -15.39 12.06
N SER A 358 -2.04 -15.19 11.39
CA SER A 358 -0.91 -14.33 11.82
C SER A 358 -0.25 -13.71 10.59
N THR A 359 0.53 -12.65 10.78
CA THR A 359 1.32 -12.00 9.71
C THR A 359 2.80 -12.15 10.02
N GLY A 360 3.57 -12.66 9.06
CA GLY A 360 5.03 -12.83 9.18
C GLY A 360 5.78 -11.63 8.63
N ILE A 361 6.75 -11.10 9.38
CA ILE A 361 7.80 -10.16 8.87
C ILE A 361 9.02 -11.00 8.48
N TYR A 362 9.16 -11.29 7.18
CA TYR A 362 10.32 -12.01 6.60
C TYR A 362 11.28 -10.97 5.99
N VAL A 363 12.59 -11.24 6.07
CA VAL A 363 13.65 -10.37 5.49
C VAL A 363 14.50 -11.23 4.54
N ALA A 364 14.88 -10.64 3.40
CA ALA A 364 15.88 -11.19 2.44
C ALA A 364 16.85 -10.07 2.06
N THR A 365 17.98 -10.42 1.45
CA THR A 365 19.13 -9.53 1.19
C THR A 365 19.47 -9.52 -0.30
N ALA A 366 19.89 -8.37 -0.82
CA ALA A 366 20.31 -8.16 -2.22
C ALA A 366 21.57 -8.99 -2.51
N SER A 367 22.49 -9.09 -1.53
CA SER A 367 23.75 -9.86 -1.60
C SER A 367 23.45 -11.32 -2.01
N LYS A 368 22.45 -11.94 -1.37
CA LYS A 368 22.04 -13.35 -1.63
C LYS A 368 20.84 -13.38 -2.59
N ASP A 369 20.68 -12.35 -3.41
CA ASP A 369 19.73 -12.27 -4.55
C ASP A 369 18.27 -12.43 -4.07
N PHE A 370 17.98 -12.04 -2.83
CA PHE A 370 16.62 -12.03 -2.22
C PHE A 370 16.03 -13.45 -2.17
N LYS A 371 16.89 -14.48 -2.05
CA LYS A 371 16.48 -15.90 -1.94
C LYS A 371 16.67 -16.39 -0.49
N ASP A 372 17.16 -15.54 0.42
CA ASP A 372 17.52 -15.92 1.82
C ASP A 372 16.47 -15.40 2.81
N TRP A 373 15.21 -15.78 2.63
CA TRP A 373 14.07 -15.32 3.48
C TRP A 373 14.20 -15.87 4.90
N LYS A 374 14.34 -15.00 5.90
CA LYS A 374 14.40 -15.33 7.35
C LYS A 374 13.15 -14.77 8.05
N SER A 375 12.51 -15.55 8.92
CA SER A 375 11.48 -15.06 9.87
C SER A 375 12.17 -14.14 10.90
N LEU A 376 11.74 -12.87 10.93
CA LEU A 376 12.35 -11.78 11.73
C LEU A 376 11.40 -11.39 12.86
N ALA A 377 10.08 -11.44 12.60
CA ALA A 377 9.01 -11.25 13.60
C ALA A 377 7.71 -11.86 13.08
N GLU A 378 6.69 -11.87 13.94
CA GLU A 378 5.33 -12.39 13.65
C GLU A 378 4.34 -11.51 14.40
N ILE A 379 3.33 -10.95 13.71
CA ILE A 379 2.16 -10.29 14.36
C ILE A 379 1.10 -11.37 14.56
N PRO A 380 0.79 -11.75 15.83
CA PRO A 380 -0.17 -12.82 16.08
C PRO A 380 -1.63 -12.34 15.97
N ASN A 381 -2.55 -13.30 15.83
CA ASN A 381 -4.01 -13.07 15.83
C ASN A 381 -4.36 -11.93 14.87
N THR A 382 -4.05 -12.10 13.58
CA THR A 382 -4.45 -11.17 12.49
C THR A 382 -5.37 -11.89 11.50
N SER A 383 -6.40 -11.20 11.05
CA SER A 383 -7.14 -11.49 9.79
C SER A 383 -7.13 -10.21 8.96
N THR A 384 -5.99 -9.94 8.30
CA THR A 384 -5.66 -8.61 7.74
C THR A 384 -4.81 -8.75 6.48
N GLU A 385 -4.88 -7.73 5.63
CA GLU A 385 -3.92 -7.46 4.53
C GLU A 385 -3.00 -6.36 5.05
N PRO A 386 -1.78 -6.69 5.54
CA PRO A 386 -0.97 -5.72 6.27
C PRO A 386 -0.63 -4.47 5.43
N LEU A 387 -0.69 -3.30 6.06
CA LEU A 387 -0.30 -1.99 5.50
C LEU A 387 0.74 -1.36 6.42
N PHE A 388 1.77 -0.74 5.87
CA PHE A 388 2.90 -0.17 6.66
C PHE A 388 3.10 1.31 6.28
N ASP A 389 4.07 1.93 6.97
CA ASP A 389 4.36 3.38 6.95
C ASP A 389 5.74 3.59 6.31
N LYS A 390 5.78 3.69 4.98
CA LYS A 390 7.05 3.71 4.18
C LYS A 390 7.93 4.89 4.63
N THR A 391 7.35 6.03 4.99
CA THR A 391 8.11 7.24 5.39
C THR A 391 8.85 6.94 6.69
N ARG A 392 8.15 6.42 7.70
CA ARG A 392 8.71 6.18 9.06
C ARG A 392 9.79 5.09 8.99
N LEU A 393 9.61 4.09 8.11
CA LEU A 393 10.62 3.00 7.94
C LEU A 393 11.89 3.60 7.33
N HIS A 394 11.76 4.48 6.34
CA HIS A 394 12.90 5.10 5.63
C HIS A 394 13.65 6.06 6.56
N GLU A 395 12.93 6.87 7.34
CA GLU A 395 13.53 8.06 8.02
C GLU A 395 13.67 7.82 9.53
N SER A 396 13.24 6.67 10.08
CA SER A 396 13.43 6.32 11.52
C SER A 396 13.81 4.85 11.73
N GLY A 397 13.83 4.02 10.68
CA GLY A 397 14.18 2.58 10.78
C GLY A 397 13.23 1.83 11.69
N ILE A 398 11.95 2.23 11.70
CA ILE A 398 10.86 1.57 12.47
C ILE A 398 9.81 1.08 11.48
N LEU A 399 9.56 -0.23 11.44
CA LEU A 399 8.54 -0.85 10.58
C LEU A 399 7.21 -0.86 11.35
N SER A 400 6.30 0.05 10.99
CA SER A 400 5.01 0.31 11.66
C SER A 400 3.89 -0.20 10.77
N VAL A 401 3.08 -1.13 11.28
CA VAL A 401 2.12 -1.96 10.50
C VAL A 401 0.72 -1.83 11.11
N PHE A 402 -0.27 -1.43 10.31
CA PHE A 402 -1.70 -1.45 10.66
C PHE A 402 -2.27 -2.84 10.41
N VAL A 403 -2.90 -3.45 11.43
CA VAL A 403 -3.51 -4.80 11.33
C VAL A 403 -4.92 -4.80 11.93
N ARG A 404 -5.79 -5.60 11.33
CA ARG A 404 -7.10 -6.07 11.86
C ARG A 404 -6.87 -7.47 12.41
N GLN A 405 -7.31 -7.72 13.66
CA GLN A 405 -7.14 -9.04 14.33
C GLN A 405 -8.09 -10.05 13.70
N ALA A 406 -7.83 -11.34 13.94
CA ALA A 406 -8.79 -12.45 13.74
C ALA A 406 -9.77 -12.47 14.91
N GLY A 407 -10.78 -13.34 14.84
CA GLY A 407 -11.81 -13.49 15.88
C GLY A 407 -13.11 -12.81 15.49
N GLY A 408 -14.14 -12.95 16.31
CA GLY A 408 -15.47 -12.35 16.06
C GLY A 408 -15.52 -10.92 16.56
N PHE A 409 -16.47 -10.14 16.06
CA PHE A 409 -16.94 -8.89 16.68
C PHE A 409 -17.59 -9.25 18.02
N PRO A 410 -17.43 -8.47 19.12
CA PRO A 410 -16.52 -7.32 19.19
C PRO A 410 -15.09 -7.54 19.73
N ASP A 411 -14.63 -8.79 19.87
CA ASP A 411 -13.28 -9.12 20.41
C ASP A 411 -12.21 -8.56 19.47
N ARG A 412 -12.50 -8.56 18.17
CA ARG A 412 -11.57 -8.20 17.06
C ARG A 412 -11.21 -6.71 17.12
N LYS A 413 -9.92 -6.41 17.30
CA LYS A 413 -9.41 -5.01 17.44
C LYS A 413 -8.61 -4.59 16.21
N LEU A 414 -8.47 -3.27 16.03
CA LEU A 414 -7.52 -2.64 15.09
C LEU A 414 -6.29 -2.22 15.89
N GLN A 415 -5.10 -2.55 15.39
CA GLN A 415 -3.83 -2.33 16.13
C GLN A 415 -2.78 -1.72 15.20
N VAL A 416 -1.79 -1.04 15.79
CA VAL A 416 -0.52 -0.65 15.14
C VAL A 416 0.61 -1.38 15.85
N TRP A 417 1.49 -2.02 15.08
CA TRP A 417 2.66 -2.82 15.56
C TRP A 417 3.95 -2.16 15.09
N ASP A 418 4.81 -1.76 16.02
CA ASP A 418 6.10 -1.08 15.74
C ASP A 418 7.26 -2.04 16.01
N PHE A 419 7.98 -2.40 14.96
CA PHE A 419 9.24 -3.20 15.00
C PHE A 419 10.42 -2.25 14.80
N GLU A 420 11.04 -1.84 15.91
CA GLU A 420 12.32 -1.07 15.91
C GLU A 420 13.41 -1.92 15.26
N LEU A 421 13.89 -1.50 14.09
CA LEU A 421 15.01 -2.18 13.37
C LEU A 421 16.34 -1.74 13.98
N ASP A 422 17.32 -2.63 13.94
CA ASP A 422 18.72 -2.35 14.33
C ASP A 422 19.62 -3.12 13.36
N LEU A 423 20.22 -2.41 12.41
CA LEU A 423 21.28 -2.94 11.52
C LEU A 423 22.55 -3.09 12.38
N LEU A 424 23.03 -4.31 12.57
CA LEU A 424 24.22 -4.63 13.40
C LEU A 424 25.40 -4.96 12.48
N GLU A 425 26.52 -4.25 12.64
CA GLU A 425 27.85 -4.68 12.11
C GLU A 425 28.45 -5.64 13.14
N GLN A 426 28.91 -6.80 12.69
CA GLN A 426 29.60 -7.81 13.55
C GLN A 426 31.10 -7.78 13.24
N LYS A 427 31.91 -7.43 14.25
CA LYS A 427 33.37 -7.66 14.30
C LYS A 427 33.61 -8.98 15.04
N LEU A 428 34.36 -9.91 14.44
CA LEU A 428 34.86 -11.15 15.11
C LEU A 428 36.39 -11.05 15.25
N ILE A 429 36.88 -10.75 16.47
CA ILE A 429 38.33 -10.61 16.79
C ILE A 429 38.83 -11.95 17.36
N SER A 430 39.74 -12.61 16.63
CA SER A 430 40.57 -13.74 17.11
C SER A 430 41.45 -13.24 18.26
N GLU A 431 41.47 -13.94 19.40
CA GLU A 431 42.25 -13.50 20.60
C GLU A 431 42.93 -14.71 21.28
N GLU A 432 43.96 -14.41 22.07
CA GLU A 432 44.96 -15.36 22.62
C GLU A 432 44.30 -16.31 23.62
N ASP A 433 44.58 -17.62 23.49
CA ASP A 433 44.19 -18.69 24.45
C ASP A 433 45.41 -19.60 24.66
N LEU A 434 46.44 -19.08 25.34
CA LEU A 434 47.81 -19.66 25.44
C LEU A 434 48.39 -19.34 26.83
N ASN A 435 49.32 -20.17 27.33
CA ASN A 435 50.06 -19.93 28.60
C ASN A 435 51.57 -19.86 28.30
#